data_6LU2
#
_entry.id   6LU2
#
_cell.length_a   49.263
_cell.length_b   78.443
_cell.length_c   123.368
_cell.angle_alpha   90.000
_cell.angle_beta   90.000
_cell.angle_gamma   90.000
#
_symmetry.space_group_name_H-M   'P 21 21 21'
#
loop_
_entity.id
_entity.type
_entity.pdbx_description
1 polymer 'Substrate binding protein'
2 water water
#
_entity_poly.entity_id   1
_entity_poly.type   'polypeptide(L)'
_entity_poly.pdbx_seq_one_letter_code
;(MSE)GSSHHHHHHSSGLVPRGSH(MSE)AS(MSE)DSEPSTTSTVRVGFDTPQSLSPFNALALPDYQTARLSYDTLVRR
DAGGVVPGLAASWTGDAAQLTFTIRDGATCSDGTEITPTVVADSLSAFAKNAGPSTVVDTFGGLNPAITADDAAGTV
(MSE)ITPEAPWADLLAALSVASTGIVCPAGLANLDGLNTGSVEGAESGPYVLSEVEPGVRYTYELRDDYDSWPEWETTL
EGEIPKTIEYTVVKDPSASANQILSGQLDLGRI(MSE)PDSRSRFSDSQLVSNPFGNFYLVFNEREGAVFADEKNREAVA
QVLDRDAFDQTTTDGTGELTDTFGSKATQCATAAPRPALTALDESAAAETLAGVKIRLLGAQVVGAAGAGNTYLEAALRE
AGADVTLENVDIGTWAGRVFGQPESYDLTVFPDLNFTGTLTSGISRFTGPDLLQNGGNISGAVSETANALAQQARTATTP
EQKCAADAEAVAALVAEHHTVPLLVESFIYAKRDGFSVT(MSE)LGGSLDDHLFRITK
;
_entity_poly.pdbx_strand_id   A
#
# COMPACT_ATOMS: atom_id res chain seq x y z
N THR A 31 7.34 -23.23 -21.76
CA THR A 31 7.96 -21.86 -21.66
C THR A 31 8.28 -21.53 -20.19
N SER A 32 9.32 -20.73 -19.99
CA SER A 32 9.81 -20.34 -18.66
C SER A 32 9.85 -18.81 -18.55
N THR A 33 9.23 -18.10 -19.49
CA THR A 33 9.17 -16.62 -19.51
C THR A 33 7.74 -16.13 -19.28
N VAL A 34 7.58 -15.10 -18.45
CA VAL A 34 6.29 -14.38 -18.34
C VAL A 34 6.54 -12.91 -18.68
N ARG A 35 5.75 -12.38 -19.61
CA ARG A 35 5.79 -10.95 -19.99
C ARG A 35 4.65 -10.27 -19.23
N VAL A 36 5.00 -9.37 -18.30
CA VAL A 36 3.98 -8.73 -17.42
C VAL A 36 3.93 -7.24 -17.69
N GLY A 37 2.74 -6.73 -17.99
CA GLY A 37 2.48 -5.28 -18.17
C GLY A 37 2.56 -4.57 -16.83
N PHE A 38 3.20 -3.41 -16.76
CA PHE A 38 3.25 -2.60 -15.53
C PHE A 38 3.55 -1.16 -15.93
N ASP A 39 3.50 -0.27 -14.95
CA ASP A 39 3.77 1.19 -15.16
C ASP A 39 5.27 1.42 -15.09
N THR A 40 5.73 2.56 -15.63
CA THR A 40 7.16 2.89 -15.62
C THR A 40 7.65 3.04 -14.19
N PRO A 41 8.72 2.33 -13.79
CA PRO A 41 9.32 2.56 -12.48
C PRO A 41 9.88 3.99 -12.37
N GLN A 42 9.70 4.60 -11.19
N GLN A 42 9.69 4.58 -11.19
CA GLN A 42 10.32 5.90 -10.85
CA GLN A 42 10.27 5.89 -10.77
C GLN A 42 11.70 5.66 -10.23
C GLN A 42 11.68 5.66 -10.22
N SER A 43 11.93 4.49 -9.62
CA SER A 43 13.23 4.13 -9.02
C SER A 43 13.32 2.63 -8.86
N LEU A 44 14.50 2.06 -9.14
CA LEU A 44 14.78 0.64 -8.86
C LEU A 44 15.43 0.46 -7.49
N SER A 45 15.55 1.53 -6.71
CA SER A 45 16.13 1.44 -5.35
C SER A 45 15.03 1.20 -4.33
N PRO A 46 15.14 0.18 -3.46
CA PRO A 46 14.12 -0.01 -2.44
C PRO A 46 14.02 1.22 -1.53
N PHE A 47 15.11 1.96 -1.34
CA PHE A 47 15.14 3.17 -0.48
C PHE A 47 14.36 4.32 -1.11
N ASN A 48 14.14 4.31 -2.42
CA ASN A 48 13.46 5.44 -3.09
C ASN A 48 12.14 4.99 -3.70
N ALA A 49 11.61 3.84 -3.28
CA ALA A 49 10.38 3.27 -3.87
C ALA A 49 9.17 4.09 -3.43
N LEU A 50 8.45 4.65 -4.40
CA LEU A 50 7.24 5.49 -4.14
C LEU A 50 6.03 4.92 -4.90
N ALA A 51 6.19 4.60 -6.18
CA ALA A 51 5.09 4.15 -7.05
C ALA A 51 5.07 2.63 -7.07
N LEU A 52 3.91 2.04 -7.31
CA LEU A 52 3.77 0.56 -7.30
C LEU A 52 4.87 -0.16 -8.10
N PRO A 53 5.22 0.25 -9.35
CA PRO A 53 6.28 -0.43 -10.10
C PRO A 53 7.62 -0.50 -9.37
N ASP A 54 7.91 0.53 -8.55
CA ASP A 54 9.15 0.56 -7.76
C ASP A 54 9.15 -0.62 -6.77
N TYR A 55 8.01 -0.87 -6.13
CA TYR A 55 7.86 -2.01 -5.19
C TYR A 55 7.88 -3.35 -5.92
N GLN A 56 7.26 -3.41 -7.09
CA GLN A 56 7.16 -4.64 -7.91
C GLN A 56 8.57 -5.10 -8.28
N THR A 57 9.43 -4.17 -8.71
CA THR A 57 10.83 -4.50 -9.08
C THR A 57 11.66 -4.83 -7.84
N ALA A 58 11.49 -4.10 -6.75
CA ALA A 58 12.21 -4.37 -5.48
C ALA A 58 11.91 -5.80 -5.00
N ARG A 59 10.68 -6.27 -5.19
CA ARG A 59 10.27 -7.61 -4.74
C ARG A 59 11.04 -8.71 -5.48
N LEU A 60 11.41 -8.47 -6.75
CA LEU A 60 12.18 -9.50 -7.51
C LEU A 60 13.65 -9.51 -7.07
N SER A 61 14.23 -8.35 -6.81
CA SER A 61 15.69 -8.19 -6.59
C SER A 61 16.10 -8.42 -5.14
N TYR A 62 15.24 -8.15 -4.18
CA TYR A 62 15.64 -8.05 -2.75
C TYR A 62 14.59 -8.82 -1.95
N ASP A 63 15.05 -9.54 -0.93
CA ASP A 63 14.20 -10.41 -0.10
C ASP A 63 13.91 -9.68 1.20
N THR A 64 12.65 -9.65 1.60
CA THR A 64 12.24 -9.10 2.90
C THR A 64 12.37 -10.18 3.98
N LEU A 65 12.44 -9.75 5.23
CA LEU A 65 12.59 -10.64 6.41
C LEU A 65 11.39 -11.57 6.55
N VAL A 66 10.20 -11.05 6.30
CA VAL A 66 8.92 -11.82 6.37
C VAL A 66 8.11 -11.50 5.13
N ARG A 67 7.08 -12.30 4.86
CA ARG A 67 6.22 -12.19 3.66
C ARG A 67 4.77 -12.36 4.05
N ARG A 68 3.90 -11.67 3.33
CA ARG A 68 2.44 -11.74 3.58
C ARG A 68 1.89 -13.11 3.16
N ASP A 69 1.02 -13.67 4.00
CA ASP A 69 0.15 -14.80 3.61
C ASP A 69 -1.19 -14.55 4.31
N ALA A 70 -2.17 -15.42 4.09
CA ALA A 70 -3.50 -15.28 4.69
C ALA A 70 -3.34 -15.26 6.21
N GLY A 71 -3.86 -14.23 6.90
CA GLY A 71 -3.91 -14.15 8.38
C GLY A 71 -2.64 -13.61 9.02
N GLY A 72 -1.58 -13.32 8.27
CA GLY A 72 -0.36 -12.76 8.85
C GLY A 72 0.86 -13.07 8.02
N VAL A 73 2.03 -12.93 8.58
CA VAL A 73 3.30 -13.03 7.80
C VAL A 73 3.92 -14.41 8.01
N VAL A 74 4.81 -14.79 7.10
CA VAL A 74 5.54 -16.09 7.16
C VAL A 74 7.02 -15.79 7.04
N PRO A 75 7.89 -16.71 7.52
CA PRO A 75 9.33 -16.59 7.32
C PRO A 75 9.72 -16.29 5.86
N GLY A 76 10.50 -15.23 5.69
CA GLY A 76 11.17 -14.91 4.42
C GLY A 76 12.66 -15.10 4.61
N LEU A 77 13.44 -14.02 4.65
CA LEU A 77 14.90 -14.11 4.94
C LEU A 77 15.14 -14.38 6.44
N ALA A 78 14.19 -14.02 7.31
CA ALA A 78 14.20 -14.42 8.74
C ALA A 78 13.50 -15.78 8.86
N ALA A 79 14.15 -16.76 9.50
CA ALA A 79 13.56 -18.11 9.72
C ALA A 79 12.53 -18.03 10.86
N SER A 80 12.76 -17.16 11.83
CA SER A 80 11.90 -17.03 13.03
C SER A 80 12.12 -15.68 13.68
N TRP A 81 11.26 -15.35 14.64
CA TRP A 81 11.41 -14.09 15.39
C TRP A 81 10.81 -14.29 16.76
N THR A 82 11.28 -13.49 17.71
CA THR A 82 10.70 -13.42 19.07
C THR A 82 10.45 -11.95 19.38
N GLY A 83 9.51 -11.72 20.28
CA GLY A 83 9.33 -10.40 20.89
C GLY A 83 7.98 -9.86 20.51
N ASP A 84 7.83 -8.55 20.60
CA ASP A 84 6.50 -7.89 20.53
C ASP A 84 6.70 -6.47 20.00
N ALA A 85 5.69 -5.63 20.20
CA ALA A 85 5.66 -4.23 19.76
C ALA A 85 6.93 -3.51 20.23
N ALA A 86 7.46 -3.82 21.42
CA ALA A 86 8.56 -3.05 22.04
C ALA A 86 9.90 -3.42 21.41
N GLN A 87 10.05 -4.67 20.97
CA GLN A 87 11.34 -5.18 20.47
C GLN A 87 11.10 -6.48 19.72
N LEU A 88 11.66 -6.59 18.52
CA LEU A 88 11.69 -7.86 17.75
C LEU A 88 13.14 -8.29 17.55
N THR A 89 13.36 -9.58 17.68
CA THR A 89 14.65 -10.21 17.39
C THR A 89 14.38 -11.24 16.30
N PHE A 90 15.03 -11.08 15.15
CA PHE A 90 14.90 -12.00 14.01
C PHE A 90 16.12 -12.91 13.93
N THR A 91 15.89 -14.20 13.74
CA THR A 91 16.92 -15.21 13.44
C THR A 91 16.99 -15.34 11.91
N ILE A 92 18.16 -15.07 11.33
CA ILE A 92 18.31 -15.06 9.85
C ILE A 92 18.42 -16.51 9.39
N ARG A 93 17.74 -16.84 8.31
CA ARG A 93 17.75 -18.23 7.82
C ARG A 93 19.16 -18.56 7.32
N ASP A 94 19.55 -19.81 7.46
CA ASP A 94 20.91 -20.24 7.04
C ASP A 94 20.92 -20.42 5.52
N GLY A 95 22.10 -20.23 4.93
CA GLY A 95 22.31 -20.54 3.50
C GLY A 95 21.78 -19.48 2.56
N ALA A 96 21.37 -18.30 3.05
CA ALA A 96 20.96 -17.17 2.18
C ALA A 96 22.23 -16.46 1.72
N THR A 97 22.25 -16.08 0.44
CA THR A 97 23.43 -15.45 -0.21
C THR A 97 22.98 -14.28 -1.07
N CYS A 98 23.83 -13.27 -1.14
CA CYS A 98 23.77 -12.21 -2.16
C CYS A 98 24.12 -12.82 -3.53
N SER A 99 23.76 -12.12 -4.60
CA SER A 99 23.88 -12.61 -5.99
C SER A 99 25.36 -12.79 -6.39
N ASP A 100 26.31 -12.32 -5.58
CA ASP A 100 27.76 -12.58 -5.83
C ASP A 100 28.28 -13.70 -4.91
N GLY A 101 27.39 -14.42 -4.21
CA GLY A 101 27.74 -15.55 -3.33
C GLY A 101 28.10 -15.12 -1.92
N THR A 102 28.06 -13.83 -1.61
CA THR A 102 28.30 -13.25 -0.24
C THR A 102 27.25 -13.87 0.70
N GLU A 103 27.66 -14.35 1.86
CA GLU A 103 26.72 -14.97 2.82
C GLU A 103 25.89 -13.83 3.43
N ILE A 104 24.56 -14.01 3.49
CA ILE A 104 23.69 -13.01 4.15
C ILE A 104 23.73 -13.28 5.66
N THR A 105 24.51 -12.44 6.34
CA THR A 105 24.76 -12.47 7.80
C THR A 105 23.79 -11.52 8.50
N PRO A 106 23.63 -11.63 9.83
CA PRO A 106 22.97 -10.55 10.57
C PRO A 106 23.54 -9.16 10.28
N THR A 107 24.85 -9.01 10.15
CA THR A 107 25.45 -7.68 9.84
C THR A 107 24.90 -7.19 8.49
N VAL A 108 24.82 -8.05 7.50
CA VAL A 108 24.34 -7.62 6.15
C VAL A 108 22.90 -7.09 6.31
N VAL A 109 22.09 -7.83 7.06
CA VAL A 109 20.65 -7.50 7.23
C VAL A 109 20.56 -6.19 8.01
N ALA A 110 21.32 -6.07 9.10
CA ALA A 110 21.26 -4.87 9.98
C ALA A 110 21.75 -3.66 9.19
N ASP A 111 22.79 -3.81 8.38
CA ASP A 111 23.29 -2.66 7.59
C ASP A 111 22.21 -2.21 6.59
N SER A 112 21.50 -3.15 5.96
CA SER A 112 20.44 -2.82 4.97
C SER A 112 19.29 -2.08 5.67
N LEU A 113 18.83 -2.58 6.81
CA LEU A 113 17.71 -1.92 7.52
C LEU A 113 18.14 -0.54 8.02
N SER A 114 19.37 -0.40 8.51
CA SER A 114 19.93 0.91 8.91
C SER A 114 19.94 1.88 7.73
N ALA A 115 20.42 1.42 6.56
CA ALA A 115 20.44 2.25 5.33
C ALA A 115 18.99 2.59 4.96
N PHE A 116 18.04 1.67 5.15
CA PHE A 116 16.63 1.98 4.84
C PHE A 116 16.17 3.12 5.75
N ALA A 117 16.41 3.01 7.05
CA ALA A 117 15.97 4.02 8.04
C ALA A 117 16.62 5.37 7.69
N LYS A 118 17.84 5.34 7.18
CA LYS A 118 18.64 6.57 6.91
C LYS A 118 18.18 7.21 5.59
N ASN A 119 17.92 6.41 4.56
CA ASN A 119 17.80 6.90 3.15
C ASN A 119 16.35 6.95 2.65
N ALA A 120 15.43 6.13 3.18
CA ALA A 120 14.04 6.12 2.72
C ALA A 120 13.31 7.38 3.19
N GLY A 121 12.19 7.68 2.55
CA GLY A 121 11.33 8.82 2.90
C GLY A 121 10.93 8.75 4.36
N PRO A 122 10.88 9.89 5.09
CA PRO A 122 10.45 9.85 6.49
C PRO A 122 9.12 9.16 6.74
N SER A 123 8.12 9.36 5.86
N SER A 123 8.17 9.36 5.85
CA SER A 123 6.76 8.77 6.04
CA SER A 123 6.81 8.80 5.99
C SER A 123 6.85 7.24 6.04
C SER A 123 6.87 7.27 6.03
N THR A 124 7.59 6.64 5.11
CA THR A 124 7.70 5.14 5.05
C THR A 124 8.53 4.63 6.23
N VAL A 125 9.55 5.36 6.68
CA VAL A 125 10.39 4.98 7.86
C VAL A 125 9.50 5.00 9.11
N VAL A 126 8.65 6.02 9.27
CA VAL A 126 7.71 6.10 10.42
C VAL A 126 6.67 4.98 10.32
N ASP A 127 6.10 4.70 9.15
CA ASP A 127 5.21 3.52 8.98
C ASP A 127 5.91 2.24 9.46
N THR A 128 7.22 2.11 9.28
CA THR A 128 7.97 0.86 9.52
C THR A 128 8.34 0.76 11.01
N PHE A 129 8.85 1.85 11.60
CA PHE A 129 9.46 1.82 12.94
C PHE A 129 8.75 2.75 13.94
N GLY A 130 7.75 3.50 13.51
CA GLY A 130 7.01 4.42 14.39
C GLY A 130 7.78 5.69 14.66
N GLY A 131 8.94 5.85 14.03
CA GLY A 131 9.83 7.00 14.23
C GLY A 131 11.07 6.85 13.39
N LEU A 132 11.94 7.84 13.43
CA LEU A 132 13.05 7.93 12.45
C LEU A 132 14.32 7.27 12.94
N ASN A 133 14.39 6.87 14.22
CA ASN A 133 15.68 6.49 14.87
C ASN A 133 15.53 5.17 15.63
N PRO A 134 15.19 4.04 14.97
CA PRO A 134 15.19 2.75 15.65
C PRO A 134 16.61 2.32 15.98
N ALA A 135 16.76 1.48 17.00
CA ALA A 135 18.00 0.73 17.28
C ALA A 135 17.96 -0.56 16.49
N ILE A 136 19.00 -0.81 15.71
CA ILE A 136 19.10 -2.02 14.84
C ILE A 136 20.49 -2.60 15.07
N THR A 137 20.53 -3.80 15.63
CA THR A 137 21.76 -4.42 16.16
C THR A 137 21.90 -5.85 15.68
N ALA A 138 23.05 -6.17 15.08
CA ALA A 138 23.36 -7.53 14.60
C ALA A 138 24.21 -8.27 15.66
N ASP A 139 23.94 -9.57 15.77
CA ASP A 139 24.79 -10.53 16.51
C ASP A 139 25.09 -11.71 15.59
N ASP A 140 26.24 -11.66 14.90
CA ASP A 140 26.62 -12.64 13.85
C ASP A 140 26.72 -14.05 14.47
N ALA A 141 27.32 -14.16 15.65
CA ALA A 141 27.44 -15.43 16.42
C ALA A 141 26.06 -16.05 16.67
N ALA A 142 25.12 -15.28 17.22
CA ALA A 142 23.76 -15.74 17.58
C ALA A 142 22.90 -15.95 16.32
N GLY A 143 23.25 -15.27 15.22
CA GLY A 143 22.49 -15.29 13.97
C GLY A 143 21.27 -14.39 14.03
N THR A 144 21.32 -13.31 14.82
CA THR A 144 20.10 -12.52 15.15
C THR A 144 20.28 -11.06 14.79
N VAL A 145 19.14 -10.42 14.52
CA VAL A 145 19.01 -8.97 14.31
C VAL A 145 17.93 -8.49 15.27
N MSE A 146 18.32 -7.57 16.14
CA MSE A 146 17.43 -7.04 17.16
C MSE A 146 17.02 -5.64 16.75
O MSE A 146 17.87 -4.79 16.51
CB MSE A 146 18.14 -6.99 18.52
CG MSE A 146 17.21 -6.63 19.67
SE MSE A 146 18.15 -6.79 21.41
CE MSE A 146 19.22 -8.41 21.05
N ILE A 147 15.70 -5.42 16.68
CA ILE A 147 15.18 -4.12 16.34
C ILE A 147 14.36 -3.59 17.51
N THR A 148 14.77 -2.44 18.05
CA THR A 148 14.06 -1.75 19.15
C THR A 148 13.59 -0.40 18.65
N PRO A 149 12.29 -0.29 18.29
CA PRO A 149 11.72 1.01 17.97
C PRO A 149 11.91 1.98 19.15
N GLU A 150 12.01 3.27 18.85
CA GLU A 150 12.18 4.35 19.87
C GLU A 150 11.10 4.25 20.94
N ALA A 151 9.85 4.05 20.53
CA ALA A 151 8.71 3.68 21.38
C ALA A 151 8.10 2.44 20.77
N PRO A 152 7.29 1.64 21.50
CA PRO A 152 6.71 0.44 20.91
C PRO A 152 5.96 0.71 19.59
N TRP A 153 6.08 -0.25 18.67
CA TRP A 153 5.52 -0.10 17.31
C TRP A 153 5.04 -1.45 16.83
N ALA A 154 3.76 -1.71 17.09
CA ALA A 154 3.15 -3.02 16.83
C ALA A 154 3.26 -3.36 15.34
N ASP A 155 3.22 -2.37 14.45
CA ASP A 155 3.21 -2.65 12.99
C ASP A 155 4.59 -3.09 12.48
N LEU A 156 5.66 -3.06 13.28
CA LEU A 156 7.04 -3.35 12.77
C LEU A 156 7.04 -4.68 12.00
N LEU A 157 6.47 -5.74 12.54
CA LEU A 157 6.57 -7.07 11.89
C LEU A 157 5.89 -7.00 10.52
N ALA A 158 4.65 -6.54 10.48
CA ALA A 158 3.94 -6.40 9.20
C ALA A 158 4.74 -5.51 8.24
N ALA A 159 5.24 -4.37 8.72
CA ALA A 159 5.97 -3.39 7.89
C ALA A 159 7.21 -4.03 7.25
N LEU A 160 7.81 -5.04 7.87
CA LEU A 160 9.04 -5.66 7.30
C LEU A 160 8.71 -6.71 6.24
N SER A 161 7.44 -6.80 5.81
CA SER A 161 7.07 -7.61 4.62
C SER A 161 7.02 -6.71 3.39
N VAL A 162 7.02 -5.39 3.57
CA VAL A 162 6.84 -4.43 2.44
C VAL A 162 8.11 -4.47 1.59
N ALA A 163 7.96 -4.47 0.26
CA ALA A 163 9.07 -4.78 -0.68
C ALA A 163 10.22 -3.80 -0.52
N SER A 164 9.95 -2.58 -0.11
CA SER A 164 10.99 -1.53 0.05
C SER A 164 11.90 -1.84 1.24
N THR A 165 11.54 -2.77 2.13
CA THR A 165 12.40 -3.20 3.26
C THR A 165 13.29 -4.41 2.87
N GLY A 166 13.28 -4.82 1.61
CA GLY A 166 14.11 -5.92 1.08
C GLY A 166 15.59 -5.66 1.33
N ILE A 167 16.34 -6.71 1.64
CA ILE A 167 17.76 -6.59 2.09
C ILE A 167 18.63 -6.24 0.87
N VAL A 168 19.34 -5.12 0.97
CA VAL A 168 20.36 -4.71 -0.02
C VAL A 168 21.74 -5.14 0.49
N CYS A 169 22.44 -5.89 -0.33
CA CYS A 169 23.76 -6.48 0.03
C CYS A 169 24.85 -5.42 -0.08
N PRO A 170 26.06 -5.66 0.49
CA PRO A 170 27.05 -4.59 0.62
C PRO A 170 27.35 -3.79 -0.65
N ALA A 171 27.44 -4.45 -1.80
CA ALA A 171 27.78 -3.83 -3.09
C ALA A 171 26.76 -2.72 -3.41
N GLY A 172 25.48 -2.98 -3.11
CA GLY A 172 24.42 -1.97 -3.30
C GLY A 172 24.55 -0.84 -2.33
N LEU A 173 24.86 -1.13 -1.06
CA LEU A 173 24.96 -0.07 -0.03
C LEU A 173 26.13 0.88 -0.37
N ALA A 174 27.14 0.37 -1.09
CA ALA A 174 28.31 1.15 -1.56
C ALA A 174 27.95 2.06 -2.75
N ASN A 175 26.79 1.85 -3.39
CA ASN A 175 26.39 2.57 -4.63
C ASN A 175 24.90 2.88 -4.58
N LEU A 176 24.51 3.78 -3.70
CA LEU A 176 23.08 4.12 -3.48
C LEU A 176 22.50 4.70 -4.76
N ASP A 177 23.29 5.50 -5.47
CA ASP A 177 22.81 6.14 -6.71
C ASP A 177 22.50 5.07 -7.76
N GLY A 178 23.34 4.05 -7.90
CA GLY A 178 23.25 3.05 -8.97
C GLY A 178 22.04 2.14 -8.76
N LEU A 179 21.66 1.93 -7.51
CA LEU A 179 20.45 1.15 -7.17
C LEU A 179 19.21 1.76 -7.86
N ASN A 180 19.19 3.08 -8.07
CA ASN A 180 18.00 3.75 -8.67
C ASN A 180 17.80 3.31 -10.12
N THR A 181 18.86 2.97 -10.84
CA THR A 181 18.78 2.87 -12.31
C THR A 181 19.10 1.47 -12.81
N GLY A 182 19.44 0.53 -11.92
CA GLY A 182 19.73 -0.84 -12.37
C GLY A 182 20.28 -1.75 -11.30
N SER A 183 20.87 -2.84 -11.78
CA SER A 183 21.52 -3.87 -10.93
C SER A 183 22.92 -3.37 -10.63
N VAL A 184 23.27 -3.33 -9.36
CA VAL A 184 24.68 -3.27 -8.87
C VAL A 184 25.11 -4.70 -8.56
N GLU A 185 26.07 -5.22 -9.32
CA GLU A 185 26.46 -6.64 -9.24
C GLU A 185 26.71 -7.04 -7.78
N GLY A 186 25.98 -8.04 -7.32
CA GLY A 186 26.13 -8.56 -5.95
C GLY A 186 25.15 -7.96 -4.96
N ALA A 187 24.36 -6.95 -5.34
CA ALA A 187 23.50 -6.22 -4.37
C ALA A 187 22.26 -7.05 -4.05
N GLU A 188 21.85 -7.92 -4.97
CA GLU A 188 20.53 -8.61 -4.88
C GLU A 188 20.59 -9.65 -3.78
N SER A 189 19.56 -9.67 -2.93
CA SER A 189 19.34 -10.73 -1.92
C SER A 189 18.18 -11.59 -2.40
N GLY A 190 17.43 -11.08 -3.38
CA GLY A 190 16.22 -11.74 -3.90
C GLY A 190 16.53 -12.79 -4.96
N PRO A 191 15.46 -13.42 -5.50
CA PRO A 191 15.63 -14.52 -6.45
C PRO A 191 16.07 -14.11 -7.86
N TYR A 192 15.83 -12.85 -8.26
CA TYR A 192 16.09 -12.40 -9.64
C TYR A 192 17.17 -11.31 -9.65
N VAL A 193 17.88 -11.24 -10.78
CA VAL A 193 18.79 -10.13 -11.12
C VAL A 193 18.24 -9.46 -12.37
N LEU A 194 18.22 -8.13 -12.39
CA LEU A 194 17.88 -7.38 -13.61
C LEU A 194 19.02 -7.60 -14.61
N SER A 195 18.79 -8.44 -15.62
N SER A 195 18.77 -8.44 -15.62
CA SER A 195 19.85 -8.91 -16.56
CA SER A 195 19.79 -8.93 -16.59
C SER A 195 19.96 -7.95 -17.76
C SER A 195 19.96 -7.93 -17.73
N GLU A 196 18.87 -7.32 -18.17
CA GLU A 196 18.82 -6.36 -19.30
C GLU A 196 17.78 -5.30 -18.97
N VAL A 197 18.03 -4.09 -19.41
CA VAL A 197 17.07 -3.00 -19.13
C VAL A 197 17.06 -2.04 -20.30
N GLU A 198 15.86 -1.75 -20.80
N GLU A 198 15.86 -1.78 -20.81
CA GLU A 198 15.60 -0.60 -21.69
CA GLU A 198 15.54 -0.64 -21.71
C GLU A 198 14.73 0.37 -20.91
C GLU A 198 14.73 0.35 -20.89
N PRO A 199 15.36 1.42 -20.35
CA PRO A 199 14.70 2.30 -19.39
C PRO A 199 13.36 2.81 -19.92
N GLY A 200 12.33 2.67 -19.10
CA GLY A 200 10.97 3.08 -19.43
C GLY A 200 10.32 2.18 -20.48
N VAL A 201 10.90 1.03 -20.83
CA VAL A 201 10.31 0.15 -21.88
C VAL A 201 10.22 -1.28 -21.37
N ARG A 202 11.33 -1.88 -20.98
CA ARG A 202 11.32 -3.30 -20.54
C ARG A 202 12.41 -3.57 -19.53
N TYR A 203 12.06 -4.35 -18.50
CA TYR A 203 12.96 -4.69 -17.37
C TYR A 203 13.03 -6.21 -17.30
N THR A 204 14.17 -6.79 -17.71
CA THR A 204 14.28 -8.26 -17.89
C THR A 204 14.94 -8.87 -16.65
N TYR A 205 14.20 -9.68 -15.92
CA TYR A 205 14.67 -10.30 -14.66
C TYR A 205 14.96 -11.77 -14.90
N GLU A 206 16.11 -12.23 -14.44
CA GLU A 206 16.50 -13.65 -14.59
C GLU A 206 16.68 -14.32 -13.23
N LEU A 207 16.06 -15.48 -13.09
CA LEU A 207 16.12 -16.28 -11.85
C LEU A 207 17.55 -16.73 -11.60
N ARG A 208 18.04 -16.47 -10.40
CA ARG A 208 19.37 -16.90 -9.93
C ARG A 208 19.37 -18.43 -9.74
N ASP A 209 20.29 -19.10 -10.43
CA ASP A 209 20.54 -20.56 -10.31
C ASP A 209 20.88 -20.95 -8.86
N ASP A 210 21.57 -20.05 -8.15
CA ASP A 210 22.14 -20.27 -6.80
C ASP A 210 21.14 -19.93 -5.71
N TYR A 211 19.93 -19.49 -6.06
CA TYR A 211 18.94 -19.04 -5.05
C TYR A 211 18.10 -20.21 -4.57
N ASP A 212 17.99 -20.37 -3.25
CA ASP A 212 17.19 -21.45 -2.62
C ASP A 212 16.73 -21.01 -1.22
N SER A 213 16.27 -19.76 -1.10
CA SER A 213 15.85 -19.19 0.20
C SER A 213 14.37 -18.76 0.15
N TRP A 214 13.54 -19.50 -0.60
CA TRP A 214 12.10 -19.17 -0.79
C TRP A 214 11.39 -19.04 0.55
N PRO A 215 10.41 -18.12 0.64
CA PRO A 215 9.62 -17.96 1.86
C PRO A 215 8.82 -19.23 2.21
N GLU A 216 8.57 -19.44 3.50
CA GLU A 216 7.79 -20.62 3.96
C GLU A 216 6.30 -20.27 3.92
N TRP A 217 5.74 -20.22 2.72
CA TRP A 217 4.32 -19.85 2.47
C TRP A 217 3.44 -20.94 3.07
N GLU A 218 2.35 -20.53 3.70
CA GLU A 218 1.30 -21.47 4.19
C GLU A 218 0.42 -21.82 3.00
N THR A 219 0.17 -20.86 2.13
CA THR A 219 -0.68 -21.08 0.93
C THR A 219 0.16 -21.82 -0.11
N THR A 220 -0.39 -22.86 -0.69
CA THR A 220 0.33 -23.70 -1.68
C THR A 220 0.02 -23.13 -3.05
N LEU A 221 1.03 -22.88 -3.89
CA LEU A 221 0.80 -22.27 -5.23
C LEU A 221 1.15 -23.26 -6.32
N GLU A 222 0.20 -23.49 -7.22
CA GLU A 222 0.36 -24.39 -8.38
C GLU A 222 1.30 -23.72 -9.38
N GLY A 223 1.99 -24.53 -10.17
CA GLY A 223 2.74 -24.04 -11.33
C GLY A 223 4.19 -23.77 -10.98
N GLU A 224 4.96 -23.39 -12.00
CA GLU A 224 6.43 -23.24 -11.91
C GLU A 224 6.78 -21.77 -11.72
N ILE A 225 7.84 -21.53 -10.96
CA ILE A 225 8.46 -20.18 -10.83
C ILE A 225 9.09 -19.80 -12.16
N PRO A 226 8.76 -18.62 -12.71
CA PRO A 226 9.32 -18.19 -14.00
C PRO A 226 10.84 -18.00 -13.91
N LYS A 227 11.56 -18.48 -14.91
CA LYS A 227 13.02 -18.27 -14.96
C LYS A 227 13.31 -16.86 -15.50
N THR A 228 12.39 -16.29 -16.26
CA THR A 228 12.51 -14.91 -16.76
C THR A 228 11.20 -14.18 -16.53
N ILE A 229 11.27 -12.97 -15.96
CA ILE A 229 10.10 -12.05 -15.90
C ILE A 229 10.49 -10.85 -16.72
N GLU A 230 9.77 -10.60 -17.79
CA GLU A 230 9.90 -9.38 -18.60
C GLU A 230 8.87 -8.38 -18.13
N TYR A 231 9.24 -7.54 -17.18
CA TYR A 231 8.36 -6.44 -16.73
C TYR A 231 8.33 -5.41 -17.84
N THR A 232 7.16 -5.24 -18.45
CA THR A 232 7.01 -4.50 -19.74
C THR A 232 6.14 -3.27 -19.52
N VAL A 233 6.69 -2.08 -19.73
CA VAL A 233 5.92 -0.83 -19.52
C VAL A 233 4.76 -0.74 -20.52
N VAL A 234 3.57 -0.44 -20.01
CA VAL A 234 2.40 -0.04 -20.82
C VAL A 234 2.08 1.44 -20.60
N LYS A 235 1.57 2.08 -21.64
CA LYS A 235 1.22 3.52 -21.70
C LYS A 235 -0.02 3.86 -20.86
N ASP A 236 -1.05 3.01 -20.93
CA ASP A 236 -2.44 3.35 -20.56
C ASP A 236 -3.17 2.01 -20.42
N PRO A 237 -4.28 1.92 -19.64
CA PRO A 237 -4.98 0.64 -19.50
C PRO A 237 -5.51 0.05 -20.81
N SER A 238 -5.94 0.92 -21.73
CA SER A 238 -6.44 0.54 -23.07
C SER A 238 -5.34 -0.27 -23.78
N ALA A 239 -4.10 0.22 -23.77
CA ALA A 239 -2.92 -0.46 -24.39
C ALA A 239 -2.62 -1.77 -23.67
N SER A 240 -2.78 -1.81 -22.35
CA SER A 240 -2.57 -3.04 -21.56
C SER A 240 -3.54 -4.13 -22.04
N ALA A 241 -4.83 -3.83 -22.09
CA ALA A 241 -5.86 -4.80 -22.56
C ALA A 241 -5.54 -5.25 -24.00
N ASN A 242 -5.23 -4.33 -24.89
CA ASN A 242 -4.96 -4.65 -26.32
C ASN A 242 -3.79 -5.63 -26.43
N GLN A 243 -2.73 -5.41 -25.64
CA GLN A 243 -1.48 -6.22 -25.75
C GLN A 243 -1.68 -7.62 -25.16
N ILE A 244 -2.53 -7.78 -24.13
CA ILE A 244 -2.84 -9.12 -23.58
C ILE A 244 -3.65 -9.87 -24.65
N LEU A 245 -4.63 -9.19 -25.23
CA LEU A 245 -5.53 -9.81 -26.23
C LEU A 245 -4.77 -10.23 -27.49
N SER A 246 -3.77 -9.46 -27.91
CA SER A 246 -2.97 -9.70 -29.14
C SER A 246 -1.83 -10.69 -28.85
N GLY A 247 -1.50 -10.93 -27.59
CA GLY A 247 -0.43 -11.88 -27.23
C GLY A 247 0.95 -11.23 -27.15
N GLN A 248 1.02 -9.90 -26.98
N GLN A 248 1.01 -9.91 -26.97
CA GLN A 248 2.28 -9.15 -26.75
CA GLN A 248 2.28 -9.17 -26.74
C GLN A 248 2.61 -9.18 -25.25
C GLN A 248 2.62 -9.21 -25.25
N LEU A 249 1.60 -9.41 -24.41
CA LEU A 249 1.79 -9.65 -22.97
C LEU A 249 1.07 -10.93 -22.56
N ASP A 250 1.62 -11.58 -21.55
CA ASP A 250 1.02 -12.78 -20.92
C ASP A 250 0.03 -12.33 -19.85
N LEU A 251 0.33 -11.26 -19.12
CA LEU A 251 -0.53 -10.69 -18.04
C LEU A 251 -0.38 -9.17 -18.05
N GLY A 252 -1.43 -8.49 -17.62
CA GLY A 252 -1.32 -7.08 -17.25
C GLY A 252 -2.58 -6.57 -16.59
N ARG A 253 -2.48 -5.40 -15.97
CA ARG A 253 -3.66 -4.82 -15.32
C ARG A 253 -4.64 -4.28 -16.36
N ILE A 254 -5.93 -4.48 -16.15
CA ILE A 254 -6.96 -3.84 -17.01
C ILE A 254 -7.94 -3.06 -16.14
N MSE A 255 -8.60 -2.09 -16.75
CA MSE A 255 -9.62 -1.33 -16.03
C MSE A 255 -10.94 -2.08 -16.13
O MSE A 255 -11.14 -2.93 -17.01
CB MSE A 255 -9.69 0.10 -16.59
CG MSE A 255 -8.50 0.95 -16.18
SE MSE A 255 -8.31 1.05 -14.20
CE MSE A 255 -6.85 -0.11 -13.66
N PRO A 256 -11.88 -1.88 -15.18
CA PRO A 256 -13.17 -2.54 -15.25
C PRO A 256 -13.89 -2.44 -16.60
N ASP A 257 -13.75 -1.34 -17.33
CA ASP A 257 -14.47 -1.14 -18.61
C ASP A 257 -13.94 -2.09 -19.72
N SER A 258 -12.78 -2.73 -19.55
CA SER A 258 -12.21 -3.67 -20.55
C SER A 258 -12.58 -5.13 -20.21
N ARG A 259 -13.16 -5.37 -19.04
CA ARG A 259 -13.48 -6.70 -18.47
C ARG A 259 -14.16 -7.59 -19.49
N SER A 260 -15.16 -7.00 -20.15
CA SER A 260 -16.11 -7.70 -21.04
C SER A 260 -15.39 -8.27 -22.26
N ARG A 261 -14.16 -7.84 -22.56
CA ARG A 261 -13.39 -8.34 -23.73
C ARG A 261 -12.77 -9.73 -23.47
N PHE A 262 -12.72 -10.17 -22.20
CA PHE A 262 -11.98 -11.36 -21.76
C PHE A 262 -12.98 -12.43 -21.30
N SER A 263 -12.59 -13.70 -21.37
CA SER A 263 -13.33 -14.80 -20.70
C SER A 263 -13.07 -14.71 -19.19
N ASP A 264 -13.99 -15.20 -18.37
CA ASP A 264 -13.87 -15.17 -16.90
C ASP A 264 -12.54 -15.82 -16.46
N SER A 265 -12.15 -16.94 -17.08
CA SER A 265 -10.89 -17.67 -16.82
C SER A 265 -9.67 -16.74 -16.91
N GLN A 266 -9.75 -15.71 -17.74
CA GLN A 266 -8.61 -14.78 -17.98
C GLN A 266 -8.54 -13.70 -16.89
N LEU A 267 -9.56 -13.54 -16.04
CA LEU A 267 -9.61 -12.39 -15.09
C LEU A 267 -9.30 -12.85 -13.68
N VAL A 268 -8.36 -12.17 -13.02
CA VAL A 268 -7.92 -12.49 -11.65
C VAL A 268 -8.02 -11.20 -10.87
N SER A 269 -8.94 -11.12 -9.92
CA SER A 269 -9.23 -9.88 -9.16
C SER A 269 -8.70 -9.99 -7.74
N ASN A 270 -8.06 -8.93 -7.21
CA ASN A 270 -7.56 -8.92 -5.83
C ASN A 270 -7.80 -7.56 -5.21
N PRO A 271 -8.01 -7.49 -3.87
CA PRO A 271 -8.27 -6.21 -3.23
C PRO A 271 -7.01 -5.36 -3.30
N PHE A 272 -7.13 -4.07 -3.55
CA PHE A 272 -5.95 -3.21 -3.79
C PHE A 272 -6.09 -1.95 -2.94
N GLY A 273 -6.24 -0.77 -3.55
CA GLY A 273 -6.31 0.48 -2.78
C GLY A 273 -7.60 0.55 -2.00
N ASN A 274 -7.60 1.32 -0.93
CA ASN A 274 -8.84 1.51 -0.14
C ASN A 274 -9.12 3.01 -0.07
N PHE A 275 -10.39 3.38 -0.21
CA PHE A 275 -10.83 4.78 -0.33
C PHE A 275 -11.62 5.16 0.92
N TYR A 276 -11.40 6.38 1.40
CA TYR A 276 -12.14 6.97 2.55
C TYR A 276 -12.06 8.49 2.47
N LEU A 277 -13.04 9.19 3.07
CA LEU A 277 -13.05 10.67 3.07
C LEU A 277 -12.03 11.22 4.07
N VAL A 278 -11.47 12.38 3.75
CA VAL A 278 -10.63 13.21 4.67
C VAL A 278 -11.19 14.62 4.61
N PHE A 279 -11.37 15.25 5.77
CA PHE A 279 -11.94 16.60 5.92
C PHE A 279 -10.86 17.54 6.46
N ASN A 280 -10.87 18.80 6.05
CA ASN A 280 -10.05 19.87 6.71
C ASN A 280 -10.82 20.37 7.94
N GLU A 281 -10.44 19.93 9.13
CA GLU A 281 -11.19 20.23 10.38
C GLU A 281 -10.54 21.37 11.17
N ARG A 282 -9.61 22.11 10.56
CA ARG A 282 -8.88 23.18 11.29
C ARG A 282 -9.88 24.29 11.64
N GLU A 283 -9.63 25.00 12.75
CA GLU A 283 -10.46 26.13 13.22
C GLU A 283 -10.63 27.12 12.07
N GLY A 284 -11.87 27.54 11.81
CA GLY A 284 -12.19 28.55 10.79
C GLY A 284 -12.52 27.92 9.45
N ALA A 285 -12.31 26.61 9.31
CA ALA A 285 -12.70 25.87 8.09
C ALA A 285 -14.09 25.27 8.31
N VAL A 286 -14.82 25.10 7.21
CA VAL A 286 -16.25 24.69 7.16
C VAL A 286 -16.45 23.37 7.89
N PHE A 287 -15.47 22.46 7.81
CA PHE A 287 -15.61 21.07 8.31
C PHE A 287 -14.97 20.94 9.69
N ALA A 288 -14.45 22.04 10.25
CA ALA A 288 -14.23 22.13 11.72
C ALA A 288 -15.56 21.81 12.40
N ASP A 289 -16.69 22.14 11.78
CA ASP A 289 -18.03 21.89 12.37
C ASP A 289 -18.49 20.47 12.03
N GLU A 290 -18.60 19.62 13.05
CA GLU A 290 -19.12 18.21 12.99
C GLU A 290 -20.43 18.12 12.19
N LYS A 291 -21.34 19.09 12.30
CA LYS A 291 -22.64 19.07 11.57
C LYS A 291 -22.42 19.00 10.06
N ASN A 292 -21.53 19.83 9.52
CA ASN A 292 -21.19 19.91 8.08
C ASN A 292 -20.58 18.58 7.63
N ARG A 293 -19.76 17.94 8.47
CA ARG A 293 -19.13 16.63 8.17
C ARG A 293 -20.22 15.55 8.09
N GLU A 294 -21.12 15.51 9.08
CA GLU A 294 -22.21 14.52 9.08
C GLU A 294 -23.05 14.71 7.81
N ALA A 295 -23.25 15.95 7.39
CA ALA A 295 -24.13 16.25 6.24
C ALA A 295 -23.51 15.64 4.96
N VAL A 296 -22.19 15.71 4.82
CA VAL A 296 -21.51 15.11 3.64
C VAL A 296 -21.79 13.60 3.65
N ALA A 297 -21.70 12.94 4.81
CA ALA A 297 -22.01 11.49 4.96
C ALA A 297 -23.44 11.24 4.49
N GLN A 298 -24.33 12.23 4.67
CA GLN A 298 -25.78 12.09 4.36
C GLN A 298 -26.03 12.21 2.85
N VAL A 299 -25.09 12.75 2.04
CA VAL A 299 -25.30 12.89 0.56
C VAL A 299 -24.51 11.83 -0.20
N LEU A 300 -23.52 11.21 0.45
CA LEU A 300 -22.59 10.26 -0.22
C LEU A 300 -23.18 8.86 -0.11
N ASP A 301 -23.91 8.45 -1.13
CA ASP A 301 -24.47 7.09 -1.25
C ASP A 301 -23.37 6.10 -1.62
N ARG A 302 -23.00 5.20 -0.71
CA ARG A 302 -21.78 4.36 -0.87
C ARG A 302 -21.95 3.37 -2.03
N ASP A 303 -23.16 2.86 -2.25
CA ASP A 303 -23.43 1.90 -3.37
C ASP A 303 -23.29 2.62 -4.72
N ALA A 304 -23.83 3.84 -4.85
CA ALA A 304 -23.77 4.64 -6.10
C ALA A 304 -22.32 5.01 -6.37
N PHE A 305 -21.62 5.44 -5.31
CA PHE A 305 -20.17 5.79 -5.39
C PHE A 305 -19.38 4.61 -5.93
N ASP A 306 -19.61 3.40 -5.41
CA ASP A 306 -18.92 2.16 -5.87
C ASP A 306 -19.25 1.90 -7.34
N GLN A 307 -20.51 2.09 -7.73
CA GLN A 307 -20.93 1.89 -9.14
C GLN A 307 -20.17 2.85 -10.06
N THR A 308 -20.10 4.13 -9.71
CA THR A 308 -19.47 5.16 -10.56
C THR A 308 -17.97 4.90 -10.60
N THR A 309 -17.39 4.48 -9.47
CA THR A 309 -15.92 4.43 -9.27
C THR A 309 -15.33 3.11 -9.80
N THR A 310 -16.02 1.97 -9.66
CA THR A 310 -15.42 0.65 -9.96
C THR A 310 -16.33 -0.20 -10.87
N ASP A 311 -17.49 0.31 -11.32
CA ASP A 311 -18.49 -0.51 -12.05
C ASP A 311 -18.87 -1.75 -11.23
N GLY A 312 -18.81 -1.66 -9.90
CA GLY A 312 -19.10 -2.75 -8.95
C GLY A 312 -18.08 -3.87 -8.94
N THR A 313 -16.87 -3.65 -9.44
CA THR A 313 -15.76 -4.63 -9.36
C THR A 313 -15.05 -4.49 -8.01
N GLY A 314 -15.24 -3.36 -7.33
CA GLY A 314 -14.70 -3.12 -5.98
C GLY A 314 -15.57 -3.77 -4.93
N GLU A 315 -15.21 -3.58 -3.67
CA GLU A 315 -15.96 -4.11 -2.50
C GLU A 315 -16.18 -2.96 -1.54
N LEU A 316 -17.43 -2.71 -1.14
CA LEU A 316 -17.66 -1.74 -0.05
C LEU A 316 -16.85 -2.19 1.18
N THR A 317 -16.39 -1.23 1.97
CA THR A 317 -15.71 -1.51 3.24
C THR A 317 -16.19 -0.51 4.28
N ASP A 318 -16.24 -0.94 5.53
CA ASP A 318 -16.57 -0.07 6.68
C ASP A 318 -15.28 0.28 7.44
N THR A 319 -14.10 -0.05 6.91
CA THR A 319 -12.84 0.22 7.62
C THR A 319 -11.74 0.60 6.62
N PHE A 320 -10.53 0.71 7.10
CA PHE A 320 -9.39 1.22 6.30
C PHE A 320 -8.69 0.04 5.67
N GLY A 321 -9.41 -0.75 4.90
CA GLY A 321 -8.87 -1.91 4.19
C GLY A 321 -9.97 -2.88 3.81
N SER A 322 -9.55 -4.04 3.33
CA SER A 322 -10.45 -5.16 2.94
C SER A 322 -10.54 -6.18 4.08
N LYS A 323 -11.30 -7.25 3.85
CA LYS A 323 -11.39 -8.38 4.81
C LYS A 323 -10.01 -9.01 5.08
N ALA A 324 -9.04 -8.87 4.17
CA ALA A 324 -7.69 -9.45 4.29
C ALA A 324 -6.74 -8.54 5.07
N THR A 325 -7.10 -7.27 5.26
CA THR A 325 -6.29 -6.32 6.07
C THR A 325 -6.27 -6.77 7.54
N GLN A 326 -5.11 -6.70 8.19
CA GLN A 326 -4.97 -7.04 9.64
C GLN A 326 -6.05 -6.30 10.45
N CYS A 327 -6.77 -7.01 11.33
CA CYS A 327 -7.78 -6.43 12.25
C CYS A 327 -9.06 -5.94 11.56
N ALA A 328 -9.24 -6.09 10.23
CA ALA A 328 -10.40 -5.53 9.50
C ALA A 328 -11.71 -6.22 9.90
N THR A 329 -11.66 -7.47 10.40
CA THR A 329 -12.88 -8.23 10.81
C THR A 329 -13.11 -8.16 12.33
N ALA A 330 -12.21 -7.51 13.09
CA ALA A 330 -12.28 -7.52 14.57
C ALA A 330 -13.38 -6.56 15.04
N ALA A 331 -14.05 -6.91 16.15
CA ALA A 331 -15.17 -6.13 16.71
C ALA A 331 -14.57 -4.91 17.41
N PRO A 332 -15.30 -3.77 17.46
CA PRO A 332 -16.64 -3.63 16.89
C PRO A 332 -16.67 -3.22 15.41
N ARG A 333 -17.87 -3.24 14.81
CA ARG A 333 -18.12 -2.77 13.44
C ARG A 333 -18.58 -1.32 13.51
N PRO A 334 -18.07 -0.40 12.68
CA PRO A 334 -18.53 0.99 12.73
C PRO A 334 -20.02 1.12 12.42
N ALA A 335 -20.66 2.15 12.96
CA ALA A 335 -22.08 2.52 12.69
C ALA A 335 -22.08 3.63 11.65
N LEU A 336 -22.30 3.30 10.38
CA LEU A 336 -22.23 4.29 9.27
C LEU A 336 -23.49 5.16 9.29
N THR A 337 -23.32 6.45 9.04
CA THR A 337 -24.43 7.44 8.90
C THR A 337 -25.26 7.08 7.67
N ALA A 338 -26.58 6.95 7.84
CA ALA A 338 -27.52 6.63 6.74
C ALA A 338 -27.71 7.87 5.86
N LEU A 339 -28.04 7.65 4.59
CA LEU A 339 -28.41 8.76 3.67
C LEU A 339 -29.56 9.54 4.28
N ASP A 340 -29.48 10.87 4.22
CA ASP A 340 -30.56 11.81 4.59
C ASP A 340 -30.32 13.11 3.81
N GLU A 341 -30.81 13.12 2.58
CA GLU A 341 -30.51 14.13 1.53
C GLU A 341 -31.13 15.45 1.96
N SER A 342 -32.28 15.32 2.61
CA SER A 342 -33.14 16.38 3.19
C SER A 342 -32.38 17.22 4.21
N ALA A 343 -31.93 16.56 5.29
CA ALA A 343 -31.20 17.16 6.43
C ALA A 343 -29.88 17.76 5.92
N ALA A 344 -29.26 17.13 4.91
CA ALA A 344 -28.02 17.60 4.26
C ALA A 344 -28.29 18.93 3.56
N ALA A 345 -29.41 19.03 2.84
CA ALA A 345 -29.84 20.22 2.07
C ALA A 345 -30.00 21.42 3.02
N GLU A 346 -30.67 21.21 4.14
CA GLU A 346 -30.82 22.23 5.23
C GLU A 346 -29.43 22.68 5.68
N THR A 347 -28.54 21.73 5.96
CA THR A 347 -27.26 22.01 6.64
C THR A 347 -26.31 22.74 5.68
N LEU A 348 -26.26 22.27 4.43
CA LEU A 348 -25.16 22.61 3.49
C LEU A 348 -25.52 23.75 2.54
N ALA A 349 -26.80 24.14 2.37
CA ALA A 349 -27.18 25.30 1.52
C ALA A 349 -26.21 26.46 1.76
N GLY A 350 -25.44 26.87 0.75
CA GLY A 350 -24.59 28.08 0.80
C GLY A 350 -23.22 27.85 1.42
N VAL A 351 -22.94 26.65 1.94
CA VAL A 351 -21.60 26.29 2.48
C VAL A 351 -20.63 26.19 1.31
N LYS A 352 -19.49 26.86 1.41
CA LYS A 352 -18.43 26.86 0.39
C LYS A 352 -17.44 25.74 0.72
N ILE A 353 -17.26 24.85 -0.24
CA ILE A 353 -16.44 23.61 -0.10
C ILE A 353 -15.42 23.64 -1.23
N ARG A 354 -14.14 23.69 -0.88
CA ARG A 354 -13.05 23.43 -1.83
C ARG A 354 -12.89 21.91 -1.93
N LEU A 355 -13.53 21.27 -2.91
CA LEU A 355 -13.42 19.81 -3.13
C LEU A 355 -12.18 19.52 -3.97
N LEU A 356 -11.33 18.64 -3.47
CA LEU A 356 -10.07 18.23 -4.11
C LEU A 356 -10.22 16.76 -4.48
N GLY A 357 -9.82 16.40 -5.70
CA GLY A 357 -9.98 15.04 -6.24
C GLY A 357 -8.71 14.53 -6.88
N ALA A 358 -8.42 13.24 -6.70
CA ALA A 358 -7.38 12.52 -7.43
C ALA A 358 -8.06 11.79 -8.59
N GLN A 359 -7.45 11.88 -9.77
CA GLN A 359 -7.99 11.25 -11.01
C GLN A 359 -7.96 9.72 -10.93
N VAL A 360 -7.32 9.13 -9.91
CA VAL A 360 -7.34 7.65 -9.72
C VAL A 360 -8.65 7.20 -9.06
N VAL A 361 -9.51 8.12 -8.62
CA VAL A 361 -10.75 7.75 -7.86
C VAL A 361 -11.86 7.60 -8.90
N GLY A 362 -11.94 6.42 -9.51
CA GLY A 362 -12.79 6.15 -10.67
C GLY A 362 -12.12 6.62 -11.95
N ALA A 363 -12.54 6.05 -13.08
CA ALA A 363 -12.01 6.47 -14.39
C ALA A 363 -12.24 7.97 -14.50
N ALA A 364 -11.17 8.71 -14.82
CA ALA A 364 -11.22 10.18 -15.01
C ALA A 364 -11.72 10.86 -13.73
N GLY A 365 -11.48 10.27 -12.55
CA GLY A 365 -11.86 10.88 -11.27
C GLY A 365 -13.37 10.95 -11.12
N ALA A 366 -14.09 9.98 -11.68
CA ALA A 366 -15.56 9.88 -11.69
C ALA A 366 -16.13 9.89 -10.27
N GLY A 367 -15.41 9.33 -9.30
CA GLY A 367 -15.85 9.36 -7.88
C GLY A 367 -15.90 10.77 -7.37
N ASN A 368 -14.96 11.61 -7.80
CA ASN A 368 -14.84 13.00 -7.32
C ASN A 368 -15.96 13.85 -7.91
N THR A 369 -16.30 13.62 -9.18
CA THR A 369 -17.39 14.36 -9.87
C THR A 369 -18.74 13.85 -9.36
N TYR A 370 -18.84 12.60 -8.92
CA TYR A 370 -20.07 12.10 -8.26
C TYR A 370 -20.27 12.90 -6.97
N LEU A 371 -19.21 13.04 -6.17
CA LEU A 371 -19.30 13.69 -4.84
C LEU A 371 -19.59 15.17 -5.04
N GLU A 372 -18.96 15.83 -6.03
CA GLU A 372 -19.20 17.26 -6.40
C GLU A 372 -20.70 17.45 -6.63
N ALA A 373 -21.31 16.59 -7.45
CA ALA A 373 -22.74 16.67 -7.83
C ALA A 373 -23.62 16.45 -6.59
N ALA A 374 -23.32 15.43 -5.79
CA ALA A 374 -24.04 15.12 -4.54
C ALA A 374 -24.06 16.34 -3.62
N LEU A 375 -22.92 17.02 -3.46
CA LEU A 375 -22.79 18.24 -2.61
C LEU A 375 -23.52 19.42 -3.26
N ARG A 376 -23.41 19.58 -4.59
CA ARG A 376 -24.11 20.60 -5.41
C ARG A 376 -25.64 20.46 -5.27
N GLU A 377 -26.13 19.22 -5.34
CA GLU A 377 -27.57 18.90 -5.20
C GLU A 377 -28.08 19.42 -3.84
N ALA A 378 -27.31 19.23 -2.75
CA ALA A 378 -27.71 19.63 -1.38
C ALA A 378 -27.56 21.15 -1.18
N GLY A 379 -27.00 21.85 -2.16
CA GLY A 379 -27.00 23.33 -2.22
C GLY A 379 -25.69 23.93 -1.76
N ALA A 380 -24.60 23.15 -1.71
CA ALA A 380 -23.27 23.69 -1.33
C ALA A 380 -22.72 24.52 -2.48
N ASP A 381 -21.98 25.58 -2.16
CA ASP A 381 -21.17 26.33 -3.15
C ASP A 381 -19.84 25.59 -3.27
N VAL A 382 -19.81 24.57 -4.10
CA VAL A 382 -18.68 23.61 -4.19
C VAL A 382 -17.88 23.89 -5.46
N THR A 383 -16.56 23.77 -5.36
CA THR A 383 -15.62 23.90 -6.48
C THR A 383 -14.70 22.68 -6.45
N LEU A 384 -14.62 21.95 -7.57
CA LEU A 384 -13.82 20.71 -7.65
C LEU A 384 -12.56 20.98 -8.46
N GLU A 385 -11.40 20.65 -7.88
CA GLU A 385 -10.10 20.49 -8.56
C GLU A 385 -9.82 19.00 -8.67
N ASN A 386 -9.96 18.43 -9.87
CA ASN A 386 -9.72 16.99 -10.18
C ASN A 386 -8.36 16.92 -10.83
N VAL A 387 -7.34 16.44 -10.12
CA VAL A 387 -5.93 16.57 -10.56
C VAL A 387 -5.30 15.18 -10.54
N ASP A 388 -4.13 15.05 -11.14
CA ASP A 388 -3.35 13.78 -11.15
C ASP A 388 -2.89 13.46 -9.72
N ILE A 389 -2.44 12.23 -9.51
CA ILE A 389 -2.07 11.73 -8.15
C ILE A 389 -0.90 12.54 -7.56
N GLY A 390 0.13 12.86 -8.36
CA GLY A 390 1.26 13.71 -7.91
C GLY A 390 0.78 15.05 -7.38
N THR A 391 -0.06 15.76 -8.13
CA THR A 391 -0.58 17.10 -7.74
C THR A 391 -1.43 16.96 -6.47
N TRP A 392 -2.26 15.93 -6.44
CA TRP A 392 -3.16 15.63 -5.29
C TRP A 392 -2.31 15.49 -4.02
N ALA A 393 -1.24 14.71 -4.07
CA ALA A 393 -0.42 14.38 -2.89
C ALA A 393 0.28 15.65 -2.40
N GLY A 394 0.80 16.47 -3.32
CA GLY A 394 1.41 17.77 -2.97
C GLY A 394 0.45 18.69 -2.24
N ARG A 395 -0.82 18.69 -2.64
CA ARG A 395 -1.86 19.53 -1.99
C ARG A 395 -2.18 18.95 -0.61
N VAL A 396 -2.42 17.64 -0.52
CA VAL A 396 -2.89 17.02 0.76
C VAL A 396 -1.76 17.05 1.81
N PHE A 397 -0.52 16.77 1.45
CA PHE A 397 0.61 16.63 2.41
C PHE A 397 1.41 17.93 2.53
N GLY A 398 1.35 18.81 1.52
CA GLY A 398 2.18 20.03 1.43
C GLY A 398 1.37 21.29 1.72
N GLN A 399 0.07 21.27 1.41
CA GLN A 399 -0.80 22.47 1.51
C GLN A 399 -2.13 22.06 2.13
N PRO A 400 -2.13 21.51 3.36
CA PRO A 400 -3.35 20.96 3.93
C PRO A 400 -4.51 21.96 4.08
N GLU A 401 -4.20 23.26 4.15
CA GLU A 401 -5.26 24.30 4.36
C GLU A 401 -5.83 24.76 3.01
N SER A 402 -5.28 24.26 1.90
CA SER A 402 -5.68 24.64 0.52
C SER A 402 -6.96 23.91 0.05
N TYR A 403 -7.54 23.00 0.83
CA TYR A 403 -8.81 22.33 0.46
C TYR A 403 -9.65 22.06 1.71
N ASP A 404 -10.88 21.58 1.50
CA ASP A 404 -11.86 21.30 2.58
C ASP A 404 -12.18 19.79 2.66
N LEU A 405 -12.20 19.10 1.53
CA LEU A 405 -12.66 17.68 1.50
C LEU A 405 -11.96 16.98 0.33
N THR A 406 -11.54 15.74 0.54
CA THR A 406 -11.04 14.85 -0.55
C THR A 406 -11.43 13.40 -0.28
N VAL A 407 -11.51 12.60 -1.34
CA VAL A 407 -11.48 11.12 -1.19
C VAL A 407 -10.03 10.69 -1.28
N PHE A 408 -9.55 10.06 -0.22
CA PHE A 408 -8.17 9.57 -0.08
C PHE A 408 -8.10 8.21 -0.77
N PRO A 409 -7.30 8.04 -1.84
CA PRO A 409 -7.08 6.72 -2.45
C PRO A 409 -5.82 6.08 -1.87
N ASP A 410 -5.96 5.31 -0.82
CA ASP A 410 -4.80 4.82 -0.05
C ASP A 410 -4.26 3.53 -0.69
N LEU A 411 -2.95 3.47 -0.94
CA LEU A 411 -2.30 2.18 -1.25
C LEU A 411 -1.57 1.75 0.01
N ASN A 412 -2.22 0.96 0.84
CA ASN A 412 -1.62 0.61 2.16
C ASN A 412 -0.78 -0.66 2.01
N PHE A 413 0.52 -0.52 1.74
CA PHE A 413 1.41 -1.69 1.53
C PHE A 413 1.52 -2.49 2.83
N THR A 414 1.44 -1.82 3.98
CA THR A 414 1.66 -2.48 5.30
C THR A 414 0.56 -3.50 5.59
N GLY A 415 -0.65 -3.25 5.12
CA GLY A 415 -1.79 -4.18 5.28
C GLY A 415 -2.36 -4.17 6.70
N THR A 416 -2.33 -3.02 7.35
CA THR A 416 -2.95 -2.83 8.68
C THR A 416 -3.85 -1.61 8.64
N LEU A 417 -4.61 -1.37 9.71
CA LEU A 417 -5.52 -0.21 9.78
C LEU A 417 -4.80 1.04 10.26
N THR A 418 -3.52 0.95 10.58
CA THR A 418 -2.77 2.04 11.24
C THR A 418 -2.72 3.29 10.34
N SER A 419 -2.38 3.13 9.06
CA SER A 419 -2.18 4.33 8.20
C SER A 419 -3.50 5.09 8.07
N GLY A 420 -4.64 4.42 7.96
CA GLY A 420 -5.95 5.10 7.90
C GLY A 420 -6.19 5.90 9.17
N ILE A 421 -6.04 5.25 10.34
CA ILE A 421 -6.23 5.90 11.67
C ILE A 421 -5.29 7.10 11.81
N SER A 422 -4.06 7.02 11.30
CA SER A 422 -3.02 8.07 11.41
C SER A 422 -3.49 9.37 10.72
N ARG A 423 -4.41 9.33 9.76
CA ARG A 423 -4.79 10.55 9.00
C ARG A 423 -5.55 11.50 9.91
N PHE A 424 -6.04 10.98 11.03
CA PHE A 424 -7.04 11.66 11.89
C PHE A 424 -6.58 11.74 13.35
N THR A 425 -5.36 11.29 13.69
CA THR A 425 -4.90 11.19 15.09
C THR A 425 -3.52 11.80 15.28
N GLY A 426 -3.22 12.18 16.52
CA GLY A 426 -1.90 12.73 16.89
C GLY A 426 -1.78 14.16 16.41
N PRO A 427 -0.56 14.74 16.51
CA PRO A 427 -0.33 16.11 16.09
C PRO A 427 -0.57 16.32 14.58
N ASP A 428 -1.13 17.49 14.27
CA ASP A 428 -1.33 17.99 12.89
C ASP A 428 -0.04 17.87 12.08
N LEU A 429 -0.18 17.61 10.78
CA LEU A 429 0.87 17.78 9.76
C LEU A 429 1.52 19.16 9.95
N LEU A 430 0.72 20.18 10.26
CA LEU A 430 1.23 21.56 10.50
C LEU A 430 2.28 21.55 11.63
N GLN A 431 2.13 20.70 12.65
CA GLN A 431 3.15 20.55 13.74
C GLN A 431 4.00 19.28 13.51
N ASN A 432 4.37 19.00 12.25
CA ASN A 432 5.32 17.94 11.82
C ASN A 432 4.75 16.53 12.07
N GLY A 433 3.46 16.39 12.42
CA GLY A 433 2.79 15.09 12.59
C GLY A 433 2.29 14.51 11.27
N GLY A 434 1.45 13.47 11.33
CA GLY A 434 0.87 12.79 10.15
C GLY A 434 -0.63 12.98 10.07
N ASN A 435 -1.21 13.75 10.98
CA ASN A 435 -2.66 14.02 11.04
C ASN A 435 -3.01 15.04 9.95
N ILE A 436 -3.42 14.58 8.78
CA ILE A 436 -3.59 15.45 7.57
C ILE A 436 -4.90 16.24 7.68
N SER A 437 -5.87 15.75 8.45
CA SER A 437 -7.20 16.38 8.63
C SER A 437 -7.15 17.53 9.65
N GLY A 438 -6.20 17.48 10.58
CA GLY A 438 -6.17 18.37 11.77
C GLY A 438 -7.33 18.07 12.71
N ALA A 439 -7.91 16.87 12.63
CA ALA A 439 -9.03 16.47 13.52
C ALA A 439 -8.48 16.30 14.93
N VAL A 440 -9.34 16.54 15.93
CA VAL A 440 -9.02 16.28 17.36
C VAL A 440 -10.13 15.39 17.91
N SER A 441 -9.80 14.12 18.06
CA SER A 441 -10.65 13.07 18.69
C SER A 441 -9.86 12.49 19.86
N GLU A 442 -10.23 12.89 21.09
CA GLU A 442 -9.57 12.39 22.32
C GLU A 442 -9.68 10.86 22.36
N THR A 443 -10.83 10.33 21.94
CA THR A 443 -11.11 8.87 21.95
C THR A 443 -10.15 8.17 20.99
N ALA A 444 -10.15 8.58 19.73
CA ALA A 444 -9.31 7.92 18.71
C ALA A 444 -7.82 8.16 19.02
N ASN A 445 -7.47 9.32 19.56
CA ASN A 445 -6.07 9.62 19.97
C ASN A 445 -5.62 8.57 21.00
N ALA A 446 -6.47 8.30 21.98
CA ALA A 446 -6.16 7.37 23.09
C ALA A 446 -6.02 5.94 22.55
N LEU A 447 -6.90 5.56 21.64
CA LEU A 447 -6.93 4.20 21.03
C LEU A 447 -5.73 4.01 20.11
N ALA A 448 -5.21 5.08 19.52
CA ALA A 448 -3.99 5.01 18.68
C ALA A 448 -2.79 4.70 19.57
N GLN A 449 -2.73 5.35 20.75
CA GLN A 449 -1.64 5.13 21.74
C GLN A 449 -1.72 3.71 22.29
N GLN A 450 -2.92 3.20 22.52
CA GLN A 450 -3.19 1.83 23.00
C GLN A 450 -2.68 0.80 21.98
N ALA A 451 -2.98 1.03 20.70
CA ALA A 451 -2.68 0.08 19.61
C ALA A 451 -1.17 -0.10 19.50
N ARG A 452 -0.42 1.00 19.46
CA ARG A 452 1.02 0.89 19.09
C ARG A 452 1.78 0.15 20.20
N THR A 453 1.34 0.24 21.46
CA THR A 453 2.00 -0.48 22.59
C THR A 453 1.42 -1.89 22.75
N ALA A 454 0.43 -2.28 21.94
CA ALA A 454 -0.35 -3.52 22.17
C ALA A 454 0.61 -4.71 22.36
N THR A 455 0.46 -5.40 23.49
CA THR A 455 1.31 -6.53 23.96
C THR A 455 0.94 -7.82 23.22
N THR A 456 -0.25 -7.88 22.62
CA THR A 456 -0.69 -8.98 21.70
C THR A 456 -1.31 -8.41 20.44
N PRO A 457 -1.19 -9.12 19.29
CA PRO A 457 -1.98 -8.78 18.11
C PRO A 457 -3.49 -8.60 18.35
N GLU A 458 -4.10 -9.37 19.26
CA GLU A 458 -5.58 -9.31 19.50
C GLU A 458 -5.95 -8.07 20.33
N GLN A 459 -5.06 -7.65 21.23
CA GLN A 459 -5.13 -6.33 21.91
C GLN A 459 -4.99 -5.22 20.86
N LYS A 460 -4.12 -5.42 19.86
CA LYS A 460 -3.92 -4.43 18.78
C LYS A 460 -5.20 -4.27 17.94
N CYS A 461 -5.81 -5.37 17.48
CA CYS A 461 -7.03 -5.33 16.65
C CYS A 461 -8.18 -4.71 17.43
N ALA A 462 -8.28 -4.96 18.74
CA ALA A 462 -9.35 -4.36 19.56
C ALA A 462 -9.17 -2.82 19.57
N ALA A 463 -7.95 -2.34 19.75
CA ALA A 463 -7.69 -0.88 19.82
C ALA A 463 -7.95 -0.28 18.43
N ASP A 464 -7.46 -0.93 17.37
CA ASP A 464 -7.63 -0.37 16.00
C ASP A 464 -9.11 -0.33 15.61
N ALA A 465 -9.86 -1.42 15.80
CA ALA A 465 -11.29 -1.46 15.44
C ALA A 465 -12.07 -0.40 16.23
N GLU A 466 -11.77 -0.22 17.51
CA GLU A 466 -12.46 0.83 18.30
C GLU A 466 -12.08 2.22 17.79
N ALA A 467 -10.84 2.43 17.35
CA ALA A 467 -10.36 3.74 16.83
C ALA A 467 -11.15 4.08 15.56
N VAL A 468 -11.33 3.11 14.67
CA VAL A 468 -12.11 3.32 13.41
C VAL A 468 -13.57 3.63 13.79
N ALA A 469 -14.17 2.85 14.70
CA ALA A 469 -15.56 3.05 15.17
C ALA A 469 -15.75 4.50 15.68
N ALA A 470 -14.85 5.03 16.50
CA ALA A 470 -14.91 6.42 17.01
C ALA A 470 -14.82 7.39 15.83
N LEU A 471 -13.85 7.20 14.94
CA LEU A 471 -13.64 8.15 13.84
C LEU A 471 -14.88 8.21 12.95
N VAL A 472 -15.55 7.09 12.73
CA VAL A 472 -16.79 7.06 11.91
C VAL A 472 -17.91 7.77 12.69
N ALA A 473 -18.03 7.46 13.99
CA ALA A 473 -19.09 8.03 14.86
C ALA A 473 -18.96 9.55 14.95
N GLU A 474 -17.74 10.08 15.07
CA GLU A 474 -17.47 11.54 15.16
C GLU A 474 -17.42 12.20 13.77
N HIS A 475 -17.69 11.45 12.69
CA HIS A 475 -17.78 11.95 11.28
C HIS A 475 -16.45 12.57 10.87
N HIS A 476 -15.36 11.97 11.32
CA HIS A 476 -14.00 12.35 10.87
C HIS A 476 -13.70 11.70 9.51
N THR A 477 -14.37 10.61 9.20
CA THR A 477 -14.24 9.92 7.90
C THR A 477 -15.51 9.16 7.56
N VAL A 478 -15.63 8.78 6.29
CA VAL A 478 -16.57 7.73 5.82
C VAL A 478 -15.71 6.73 5.02
N PRO A 479 -15.61 5.48 5.47
CA PRO A 479 -15.01 4.42 4.68
C PRO A 479 -15.89 4.11 3.47
N LEU A 480 -15.28 3.94 2.29
CA LEU A 480 -16.04 3.84 1.03
C LEU A 480 -15.88 2.45 0.44
N LEU A 481 -14.70 2.09 -0.07
CA LEU A 481 -14.56 0.82 -0.82
C LEU A 481 -13.10 0.42 -0.96
N VAL A 482 -12.92 -0.84 -1.32
CA VAL A 482 -11.61 -1.41 -1.76
C VAL A 482 -11.68 -1.61 -3.27
N GLU A 483 -10.80 -0.94 -3.99
CA GLU A 483 -10.72 -1.08 -5.47
C GLU A 483 -10.08 -2.44 -5.76
N SER A 484 -10.52 -3.11 -6.79
CA SER A 484 -9.92 -4.39 -7.21
C SER A 484 -8.78 -4.12 -8.19
N PHE A 485 -7.66 -4.80 -8.03
CA PHE A 485 -6.62 -4.90 -9.09
C PHE A 485 -7.01 -6.10 -9.96
N ILE A 486 -7.44 -5.83 -11.19
CA ILE A 486 -7.84 -6.90 -12.14
C ILE A 486 -6.67 -7.18 -13.06
N TYR A 487 -6.07 -8.35 -12.92
CA TYR A 487 -5.12 -8.88 -13.91
C TYR A 487 -5.94 -9.61 -14.95
N ALA A 488 -5.64 -9.36 -16.21
CA ALA A 488 -6.08 -10.22 -17.33
C ALA A 488 -4.87 -11.04 -17.75
N LYS A 489 -5.07 -12.33 -17.97
CA LYS A 489 -3.94 -13.26 -18.18
C LYS A 489 -4.28 -14.21 -19.33
N ARG A 490 -3.25 -14.63 -20.03
CA ARG A 490 -3.41 -15.66 -21.10
C ARG A 490 -3.32 -17.05 -20.47
N ASP A 491 -3.85 -18.02 -21.19
CA ASP A 491 -3.91 -19.42 -20.73
C ASP A 491 -2.47 -19.91 -20.45
N GLY A 492 -2.29 -20.55 -19.29
CA GLY A 492 -1.00 -21.17 -18.90
C GLY A 492 -0.18 -20.27 -17.99
N PHE A 493 -0.78 -19.18 -17.53
CA PHE A 493 -0.16 -18.22 -16.58
C PHE A 493 -1.15 -18.02 -15.44
N SER A 494 -0.63 -17.82 -14.25
CA SER A 494 -1.48 -17.45 -13.10
C SER A 494 -0.76 -16.38 -12.30
N VAL A 495 -1.56 -15.70 -11.48
CA VAL A 495 -1.01 -14.66 -10.59
C VAL A 495 -1.81 -14.75 -9.31
N THR A 496 -1.11 -14.62 -8.18
CA THR A 496 -1.71 -14.64 -6.85
C THR A 496 -1.18 -13.46 -6.05
N MSE A 497 -2.07 -12.84 -5.29
CA MSE A 497 -1.66 -11.92 -4.23
C MSE A 497 -2.18 -12.50 -2.94
O MSE A 497 -3.39 -12.63 -2.81
CB MSE A 497 -2.25 -10.54 -4.50
CG MSE A 497 -1.89 -9.96 -5.83
SE MSE A 497 -2.45 -8.08 -5.90
CE MSE A 497 -2.10 -7.87 -7.82
N LEU A 498 -1.30 -12.85 -2.01
CA LEU A 498 -1.72 -13.49 -0.78
C LEU A 498 -1.93 -12.46 0.33
N GLY A 499 -2.98 -12.64 1.12
CA GLY A 499 -3.11 -11.97 2.43
C GLY A 499 -3.44 -10.49 2.33
N GLY A 500 -3.89 -10.03 1.18
CA GLY A 500 -4.16 -8.61 0.91
C GLY A 500 -2.92 -7.83 0.50
N SER A 501 -1.81 -8.49 0.17
CA SER A 501 -0.56 -7.77 -0.23
C SER A 501 -0.82 -6.99 -1.53
N LEU A 502 -0.13 -5.87 -1.70
CA LEU A 502 -0.21 -5.08 -2.94
C LEU A 502 1.05 -5.28 -3.80
N ASP A 503 2.15 -5.66 -3.19
CA ASP A 503 3.49 -5.56 -3.82
C ASP A 503 4.18 -6.93 -3.79
N ASP A 504 3.42 -8.01 -3.79
CA ASP A 504 3.97 -9.37 -3.78
C ASP A 504 3.21 -10.21 -4.81
N HIS A 505 3.24 -9.80 -6.07
CA HIS A 505 2.50 -10.48 -7.17
C HIS A 505 3.23 -11.78 -7.49
N LEU A 506 2.58 -12.93 -7.28
CA LEU A 506 3.23 -14.24 -7.46
C LEU A 506 2.82 -14.81 -8.82
N PHE A 507 3.71 -14.63 -9.80
CA PHE A 507 3.53 -15.13 -11.18
C PHE A 507 3.96 -16.58 -11.23
N ARG A 508 3.14 -17.43 -11.85
CA ARG A 508 3.47 -18.85 -12.02
C ARG A 508 3.10 -19.26 -13.44
N ILE A 509 3.87 -20.20 -13.98
CA ILE A 509 3.58 -20.82 -15.30
C ILE A 509 3.03 -22.23 -15.07
N THR A 510 1.81 -22.49 -15.54
CA THR A 510 1.06 -23.74 -15.26
C THR A 510 1.05 -24.65 -16.48
N LYS A 511 0.90 -24.01 -17.64
CA LYS A 511 1.05 -24.63 -18.98
C LYS A 511 2.23 -23.96 -19.69
#